data_6NOP
#
_entry.id   6NOP
#
_cell.length_a   115.658
_cell.length_b   115.658
_cell.length_c   76.648
_cell.angle_alpha   90.000
_cell.angle_beta   90.000
_cell.angle_gamma   120.000
#
_symmetry.space_group_name_H-M   'P 31 2 1'
#
loop_
_entity.id
_entity.type
_entity.pdbx_description
1 polymer 'Cobyrinic acid ac-diamide synthase'
2 non-polymer "ADENOSINE-5'-TRIPHOSPHATE"
3 non-polymer 'MAGNESIUM ION'
4 water water
#
_entity_poly.entity_id   1
_entity_poly.type   'polypeptide(L)'
_entity_poly.pdbx_seq_one_letter_code
;MGSSHHHHHHSSGLVPRGSHMKTLVIASLSGGQGKTTTAFFLGKLLSQSAKVLFIDAAPQSNLTFFLGHEVEPSAPTLLE
LIKDMVEPADAVYSLANSNQFLIPSDDGLSNAQEYLASSGMGAVVLKARLKPLSEYFDYCIIDSPPARTQISIATIGAAD
QLLIPAEASTKGVNSLIRTLEIVQSLEKLGAFTGSILGVIPFRDKWFGLSQSKDSAGAIAAMKEVAPQLRIFPSILESER
YKQALNQGILLSELGYPDLEKPFEGVKEALGIKQLVQI
;
_entity_poly.pdbx_strand_id   B,A
#
# COMPACT_ATOMS: atom_id res chain seq x y z
N LEU A 14 -22.69 -18.21 18.70
CA LEU A 14 -21.59 -17.47 19.30
C LEU A 14 -21.86 -17.20 20.77
N VAL A 15 -21.13 -17.90 21.64
CA VAL A 15 -21.36 -17.85 23.07
C VAL A 15 -20.12 -17.36 23.83
N PRO A 16 -20.32 -16.44 24.78
CA PRO A 16 -19.19 -15.96 25.60
C PRO A 16 -18.62 -17.09 26.44
N ARG A 17 -17.29 -17.11 26.62
CA ARG A 17 -16.66 -18.06 27.51
C ARG A 17 -15.78 -17.31 28.51
N HIS A 20 -10.25 -13.39 27.96
CA HIS A 20 -9.96 -11.98 28.04
C HIS A 20 -9.22 -11.59 26.77
N MET A 21 -9.97 -11.12 25.77
CA MET A 21 -9.45 -10.90 24.43
C MET A 21 -8.31 -9.89 24.40
N LYS A 22 -7.20 -10.27 23.77
CA LYS A 22 -6.07 -9.37 23.50
C LYS A 22 -6.08 -8.96 22.02
N THR A 23 -6.16 -7.68 21.76
CA THR A 23 -6.25 -7.20 20.36
C THR A 23 -4.84 -6.93 19.81
N LEU A 24 -4.47 -7.68 18.77
CA LEU A 24 -3.18 -7.51 18.09
C LEU A 24 -3.46 -6.79 16.78
N VAL A 25 -2.84 -5.64 16.57
CA VAL A 25 -3.12 -4.88 15.36
C VAL A 25 -1.87 -4.88 14.50
N ILE A 26 -2.04 -5.22 13.22
CA ILE A 26 -0.94 -5.23 12.24
C ILE A 26 -0.98 -3.89 11.49
N ALA A 27 0.02 -3.05 11.69
CA ALA A 27 0.03 -1.69 11.14
C ALA A 27 1.34 -1.36 10.45
N SER A 28 1.24 -0.75 9.28
CA SER A 28 2.43 -0.28 8.56
C SER A 28 1.92 0.67 7.48
N LEU A 29 2.23 1.95 7.60
CA LEU A 29 1.61 2.95 6.72
C LEU A 29 1.91 2.82 5.22
N SER A 30 3.07 2.29 4.85
CA SER A 30 3.37 2.15 3.43
C SER A 30 2.60 0.97 2.82
N GLY A 31 2.46 0.97 1.50
CA GLY A 31 1.75 -0.10 0.83
C GLY A 31 2.62 -1.34 0.72
N GLY A 32 1.99 -2.52 0.75
CA GLY A 32 2.70 -3.76 0.46
C GLY A 32 3.87 -4.07 1.36
N GLN A 33 3.58 -4.04 2.67
CA GLN A 33 4.58 -4.21 3.71
C GLN A 33 4.43 -5.54 4.44
N GLY A 34 3.48 -6.36 3.98
CA GLY A 34 3.25 -7.66 4.59
C GLY A 34 2.17 -7.64 5.68
N LYS A 35 1.33 -6.62 5.72
CA LYS A 35 0.29 -6.55 6.77
C LYS A 35 -0.69 -7.72 6.70
N THR A 36 -1.29 -7.91 5.53
CA THR A 36 -2.30 -8.95 5.34
C THR A 36 -1.71 -10.36 5.45
N THR A 37 -0.52 -10.53 4.87
CA THR A 37 0.22 -11.78 5.02
C THR A 37 0.45 -12.13 6.49
N THR A 38 0.88 -11.16 7.27
CA THR A 38 1.11 -11.36 8.70
C THR A 38 -0.19 -11.69 9.42
N ALA A 39 -1.23 -10.91 9.16
CA ALA A 39 -2.51 -11.16 9.82
C ALA A 39 -2.98 -12.59 9.57
N PHE A 40 -2.92 -13.01 8.31
CA PHE A 40 -3.36 -14.34 7.89
C PHE A 40 -2.61 -15.46 8.60
N PHE A 41 -1.28 -15.48 8.45
CA PHE A 41 -0.51 -16.56 9.05
C PHE A 41 -0.49 -16.55 10.57
N LEU A 42 -0.37 -15.36 11.16
CA LEU A 42 -0.36 -15.26 12.61
C LEU A 42 -1.69 -15.72 13.19
N GLY A 43 -2.81 -15.28 12.60
CA GLY A 43 -4.11 -15.64 13.13
C GLY A 43 -4.35 -17.14 13.03
N LYS A 44 -4.01 -17.72 11.88
CA LYS A 44 -4.20 -19.15 11.70
C LYS A 44 -3.32 -19.95 12.66
N LEU A 45 -2.07 -19.54 12.81
CA LEU A 45 -1.17 -20.18 13.79
C LEU A 45 -1.71 -20.12 15.22
N LEU A 46 -2.09 -18.93 15.68
CA LEU A 46 -2.65 -18.80 17.04
C LEU A 46 -3.92 -19.63 17.27
N SER A 47 -4.71 -19.83 16.21
CA SER A 47 -5.97 -20.56 16.33
C SER A 47 -5.79 -22.06 16.61
N GLN A 48 -4.55 -22.52 16.59
CA GLN A 48 -4.28 -23.92 16.92
C GLN A 48 -4.50 -24.17 18.40
N SER A 49 -4.39 -23.11 19.21
CA SER A 49 -4.54 -23.23 20.66
C SER A 49 -5.37 -22.10 21.29
N ALA A 50 -6.05 -21.32 20.46
CA ALA A 50 -6.83 -20.20 20.96
C ALA A 50 -7.99 -19.89 19.99
N LYS A 51 -9.03 -19.22 20.51
CA LYS A 51 -10.13 -18.75 19.68
C LYS A 51 -9.74 -17.38 19.11
N VAL A 52 -9.74 -17.25 17.79
CA VAL A 52 -9.19 -16.05 17.15
C VAL A 52 -10.26 -15.33 16.35
N LEU A 53 -10.38 -14.02 16.59
CA LEU A 53 -11.25 -13.17 15.79
C LEU A 53 -10.42 -12.31 14.83
N PHE A 54 -10.49 -12.62 13.54
CA PHE A 54 -9.86 -11.77 12.53
C PHE A 54 -10.77 -10.57 12.29
N ILE A 55 -10.19 -9.39 12.09
CA ILE A 55 -10.94 -8.24 11.60
C ILE A 55 -10.25 -7.66 10.36
N ASP A 56 -10.97 -7.61 9.24
CA ASP A 56 -10.41 -7.01 8.04
C ASP A 56 -10.79 -5.53 8.04
N ALA A 57 -9.83 -4.68 8.41
CA ALA A 57 -10.10 -3.25 8.47
C ALA A 57 -9.69 -2.53 7.19
N ALA A 58 -9.37 -3.28 6.15
CA ALA A 58 -8.96 -2.70 4.87
C ALA A 58 -10.11 -2.66 3.87
N PRO A 59 -10.43 -1.47 3.34
CA PRO A 59 -11.44 -1.35 2.29
C PRO A 59 -11.17 -2.22 1.06
N GLN A 60 -9.91 -2.54 0.79
CA GLN A 60 -9.60 -3.42 -0.34
C GLN A 60 -9.96 -4.88 -0.05
N SER A 61 -10.12 -5.20 1.24
CA SER A 61 -10.72 -6.46 1.68
C SER A 61 -9.96 -7.73 1.32
N ASN A 62 -8.63 -7.65 1.28
CA ASN A 62 -7.85 -8.82 0.92
C ASN A 62 -7.99 -9.98 1.93
N LEU A 63 -7.86 -9.69 3.21
CA LEU A 63 -7.92 -10.74 4.23
C LEU A 63 -9.24 -11.54 4.17
N THR A 64 -10.37 -10.83 4.04
CA THR A 64 -11.68 -11.47 3.89
C THR A 64 -11.67 -12.52 2.80
N PHE A 65 -11.14 -12.17 1.64
CA PHE A 65 -11.01 -13.10 0.54
C PHE A 65 -10.10 -14.29 0.85
N PHE A 66 -8.92 -14.01 1.38
CA PHE A 66 -7.94 -15.05 1.66
C PHE A 66 -8.47 -16.06 2.68
N LEU A 67 -9.30 -15.58 3.59
CA LEU A 67 -9.90 -16.43 4.63
C LEU A 67 -11.12 -17.20 4.10
N GLY A 68 -11.46 -16.98 2.85
CA GLY A 68 -12.51 -17.73 2.18
C GLY A 68 -13.93 -17.28 2.46
N HIS A 69 -14.10 -16.00 2.80
CA HIS A 69 -15.41 -15.47 3.14
C HIS A 69 -15.96 -14.60 2.04
N GLU A 70 -17.23 -14.79 1.71
CA GLU A 70 -17.89 -13.88 0.79
C GLU A 70 -18.94 -13.09 1.55
N VAL A 71 -18.96 -11.78 1.33
CA VAL A 71 -19.95 -10.94 1.98
C VAL A 71 -21.21 -10.90 1.12
N GLU A 72 -22.33 -11.29 1.70
CA GLU A 72 -23.60 -11.30 0.98
C GLU A 72 -24.27 -9.92 0.99
N PRO A 73 -25.07 -9.63 -0.04
CA PRO A 73 -25.65 -8.32 -0.34
C PRO A 73 -26.02 -7.45 0.87
N SER A 74 -26.73 -8.00 1.84
CA SER A 74 -27.20 -7.19 2.96
C SER A 74 -26.53 -7.51 4.30
N ALA A 75 -25.42 -8.24 4.25
CA ALA A 75 -24.79 -8.70 5.48
C ALA A 75 -24.03 -7.58 6.18
N PRO A 76 -24.22 -7.44 7.50
CA PRO A 76 -23.48 -6.45 8.27
C PRO A 76 -22.00 -6.78 8.27
N THR A 77 -21.15 -5.76 8.19
CA THR A 77 -19.72 -5.96 8.19
C THR A 77 -19.11 -4.97 9.17
N LEU A 78 -17.80 -4.74 9.03
CA LEU A 78 -17.11 -3.84 9.93
C LEU A 78 -17.70 -2.43 9.85
N LEU A 79 -18.14 -2.05 8.66
CA LEU A 79 -18.73 -0.73 8.46
C LEU A 79 -19.90 -0.48 9.42
N GLU A 80 -20.86 -1.41 9.43
CA GLU A 80 -22.05 -1.28 10.28
C GLU A 80 -21.67 -1.36 11.76
N LEU A 81 -20.65 -2.15 12.09
CA LEU A 81 -20.18 -2.18 13.47
C LEU A 81 -19.59 -0.84 13.87
N ILE A 82 -18.69 -0.30 13.05
CA ILE A 82 -18.10 1.01 13.35
C ILE A 82 -19.20 2.06 13.54
N LYS A 83 -20.21 2.04 12.68
CA LYS A 83 -21.31 3.00 12.74
C LYS A 83 -22.37 2.71 13.81
N ASP A 84 -22.15 1.67 14.61
CA ASP A 84 -23.05 1.34 15.71
C ASP A 84 -24.45 1.03 15.19
N MET A 85 -24.51 0.39 14.03
CA MET A 85 -25.79 0.02 13.43
C MET A 85 -26.17 -1.40 13.79
N VAL A 86 -25.20 -2.16 14.30
CA VAL A 86 -25.45 -3.54 14.73
C VAL A 86 -24.65 -3.85 15.98
N GLU A 87 -25.11 -4.84 16.74
CA GLU A 87 -24.34 -5.36 17.86
C GLU A 87 -23.07 -5.96 17.30
N PRO A 88 -21.95 -5.85 18.03
CA PRO A 88 -20.68 -6.38 17.53
C PRO A 88 -20.81 -7.83 17.10
N ALA A 89 -21.53 -8.63 17.89
CA ALA A 89 -21.65 -10.05 17.60
C ALA A 89 -22.38 -10.31 16.28
N ASP A 90 -23.23 -9.37 15.86
CA ASP A 90 -23.96 -9.50 14.60
C ASP A 90 -23.07 -9.34 13.36
N ALA A 91 -21.86 -8.83 13.55
CA ALA A 91 -20.93 -8.63 12.44
C ALA A 91 -19.83 -9.68 12.41
N VAL A 92 -19.92 -10.65 13.32
CA VAL A 92 -18.94 -11.74 13.41
C VAL A 92 -19.45 -12.99 12.70
N TYR A 93 -18.62 -13.56 11.84
CA TYR A 93 -18.96 -14.73 11.04
C TYR A 93 -18.01 -15.88 11.30
N SER A 94 -18.53 -17.11 11.31
CA SER A 94 -17.69 -18.28 11.48
C SER A 94 -16.91 -18.59 10.21
N LEU A 95 -15.71 -19.14 10.35
CA LEU A 95 -14.90 -19.55 9.21
C LEU A 95 -14.81 -21.09 9.17
N ALA A 96 -14.10 -21.62 8.18
CA ALA A 96 -13.99 -23.07 8.01
C ALA A 96 -13.42 -23.75 9.27
N ASN A 97 -12.39 -23.14 9.84
CA ASN A 97 -11.81 -23.61 11.11
C ASN A 97 -12.68 -23.16 12.28
N SER A 98 -12.98 -24.07 13.20
CA SER A 98 -13.91 -23.77 14.28
C SER A 98 -13.32 -22.88 15.38
N ASN A 99 -12.03 -22.56 15.26
CA ASN A 99 -11.37 -21.65 16.20
C ASN A 99 -11.14 -20.28 15.58
N GLN A 100 -11.64 -20.10 14.36
CA GLN A 100 -11.43 -18.87 13.62
C GLN A 100 -12.74 -18.18 13.27
N PHE A 101 -12.79 -16.88 13.50
CA PHE A 101 -13.96 -16.08 13.20
C PHE A 101 -13.54 -14.79 12.54
N LEU A 102 -14.48 -14.10 11.90
CA LEU A 102 -14.13 -12.92 11.09
C LEU A 102 -15.18 -11.83 11.14
N ILE A 103 -14.74 -10.59 11.37
CA ILE A 103 -15.55 -9.42 11.04
C ILE A 103 -15.02 -8.93 9.70
N PRO A 104 -15.81 -9.12 8.64
CA PRO A 104 -15.29 -8.86 7.29
C PRO A 104 -15.39 -7.42 6.84
N SER A 105 -14.74 -7.11 5.72
CA SER A 105 -14.92 -5.81 5.11
C SER A 105 -15.32 -5.99 3.66
N ASP A 106 -15.78 -4.90 3.06
CA ASP A 106 -15.98 -4.84 1.61
C ASP A 106 -15.73 -3.41 1.17
N ASP A 107 -15.82 -3.16 -0.12
CA ASP A 107 -15.45 -1.88 -0.71
C ASP A 107 -16.10 -0.69 0.00
N GLY A 108 -17.32 -0.87 0.49
CA GLY A 108 -18.03 0.20 1.15
C GLY A 108 -17.44 0.62 2.49
N LEU A 109 -16.40 -0.07 2.95
CA LEU A 109 -15.83 0.25 4.25
C LEU A 109 -15.22 1.64 4.26
N SER A 110 -14.82 2.15 3.09
CA SER A 110 -14.27 3.50 3.00
C SER A 110 -15.22 4.57 3.57
N ASN A 111 -16.50 4.25 3.62
CA ASN A 111 -17.51 5.15 4.18
C ASN A 111 -17.24 5.43 5.65
N ALA A 112 -16.48 4.56 6.29
CA ALA A 112 -16.19 4.72 7.72
C ALA A 112 -15.21 5.89 7.97
N GLN A 113 -14.47 6.28 6.95
CA GLN A 113 -13.50 7.37 7.09
C GLN A 113 -14.21 8.64 7.52
N GLU A 114 -15.33 8.89 6.85
CA GLU A 114 -16.25 10.00 7.13
C GLU A 114 -16.78 9.98 8.56
N TYR A 115 -17.40 8.86 8.89
CA TYR A 115 -17.98 8.66 10.19
C TYR A 115 -16.97 8.87 11.31
N LEU A 116 -15.79 8.28 11.17
CA LEU A 116 -14.79 8.37 12.23
C LEU A 116 -14.35 9.81 12.39
N ALA A 117 -14.16 10.51 11.29
CA ALA A 117 -13.72 11.89 11.33
C ALA A 117 -14.75 12.75 12.06
N SER A 118 -16.01 12.52 11.74
CA SER A 118 -17.10 13.37 12.24
C SER A 118 -17.35 13.16 13.75
N SER A 119 -16.82 12.08 14.31
CA SER A 119 -17.04 11.77 15.73
C SER A 119 -16.20 12.65 16.65
N GLY A 120 -15.08 13.14 16.13
CA GLY A 120 -14.11 13.88 16.92
C GLY A 120 -13.24 13.00 17.81
N MET A 121 -13.46 11.68 17.74
CA MET A 121 -12.75 10.72 18.58
C MET A 121 -12.53 9.41 17.83
N GLY A 122 -12.33 9.51 16.52
CA GLY A 122 -12.25 8.32 15.69
C GLY A 122 -11.24 7.30 16.17
N ALA A 123 -10.14 7.78 16.72
CA ALA A 123 -9.05 6.90 17.11
C ALA A 123 -9.44 5.92 18.20
N VAL A 124 -10.51 6.23 18.94
CA VAL A 124 -10.99 5.32 19.99
C VAL A 124 -12.33 4.66 19.71
N VAL A 125 -12.87 4.88 18.51
CA VAL A 125 -14.19 4.34 18.18
C VAL A 125 -14.16 2.82 18.04
N LEU A 126 -13.19 2.29 17.30
CA LEU A 126 -13.17 0.84 17.08
C LEU A 126 -12.88 0.13 18.40
N LYS A 127 -12.00 0.75 19.18
CA LYS A 127 -11.63 0.26 20.50
C LYS A 127 -12.89 0.09 21.33
N ALA A 128 -13.76 1.09 21.27
CA ALA A 128 -15.01 1.06 22.05
C ALA A 128 -15.96 -0.01 21.54
N ARG A 129 -16.09 -0.13 20.21
CA ARG A 129 -17.02 -1.07 19.60
C ARG A 129 -16.72 -2.53 19.92
N LEU A 130 -15.45 -2.83 20.19
CA LEU A 130 -15.03 -4.22 20.38
C LEU A 130 -15.11 -4.74 21.81
N LYS A 131 -15.25 -3.85 22.78
CA LYS A 131 -15.30 -4.27 24.18
C LYS A 131 -16.38 -5.34 24.52
N PRO A 132 -17.56 -5.26 23.90
CA PRO A 132 -18.54 -6.31 24.19
C PRO A 132 -18.09 -7.72 23.80
N LEU A 133 -17.07 -7.82 22.95
CA LEU A 133 -16.57 -9.13 22.54
C LEU A 133 -15.44 -9.64 23.45
N SER A 134 -15.11 -8.87 24.48
CA SER A 134 -13.96 -9.16 25.37
C SER A 134 -13.92 -10.60 25.88
N GLU A 135 -15.07 -11.18 26.20
CA GLU A 135 -15.05 -12.50 26.83
C GLU A 135 -15.38 -13.66 25.87
N TYR A 136 -15.39 -13.36 24.56
CA TYR A 136 -15.67 -14.38 23.55
C TYR A 136 -14.40 -14.99 22.96
N PHE A 137 -13.38 -14.16 22.74
CA PHE A 137 -12.20 -14.60 21.99
C PHE A 137 -10.93 -14.42 22.81
N ASP A 138 -9.91 -15.21 22.49
CA ASP A 138 -8.62 -15.09 23.15
C ASP A 138 -7.77 -14.00 22.48
N TYR A 139 -7.82 -13.97 21.15
CA TYR A 139 -7.10 -12.98 20.38
C TYR A 139 -8.01 -12.33 19.34
N CYS A 140 -7.77 -11.05 19.10
CA CYS A 140 -8.38 -10.36 17.97
C CYS A 140 -7.23 -9.86 17.09
N ILE A 141 -7.24 -10.20 15.81
CA ILE A 141 -6.15 -9.82 14.91
C ILE A 141 -6.69 -8.85 13.86
N ILE A 142 -6.23 -7.61 13.90
CA ILE A 142 -6.76 -6.59 13.00
C ILE A 142 -5.75 -6.25 11.89
N ASP A 143 -6.18 -6.42 10.65
CA ASP A 143 -5.39 -6.08 9.46
C ASP A 143 -5.71 -4.64 9.03
N SER A 144 -4.72 -3.74 9.09
CA SER A 144 -4.91 -2.32 8.77
C SER A 144 -4.65 -2.02 7.30
N PRO A 145 -5.33 -0.99 6.75
CA PRO A 145 -4.95 -0.52 5.40
C PRO A 145 -3.70 0.35 5.47
N PRO A 146 -3.07 0.62 4.32
CA PRO A 146 -1.95 1.55 4.31
C PRO A 146 -2.47 2.98 4.33
N ALA A 147 -1.56 3.93 4.44
CA ALA A 147 -1.83 5.36 4.43
C ALA A 147 -2.38 5.86 5.76
N ARG A 148 -2.00 7.07 6.11
CA ARG A 148 -2.54 7.71 7.31
C ARG A 148 -3.97 8.19 7.00
N THR A 149 -4.96 7.48 7.56
CA THR A 149 -6.38 7.82 7.41
C THR A 149 -7.11 7.58 8.73
N GLN A 150 -8.40 7.91 8.78
CA GLN A 150 -9.16 7.69 10.01
C GLN A 150 -9.17 6.21 10.37
N ILE A 151 -9.28 5.33 9.37
CA ILE A 151 -9.33 3.88 9.64
C ILE A 151 -8.01 3.32 10.20
N SER A 152 -6.88 3.69 9.59
CA SER A 152 -5.59 3.18 10.05
C SER A 152 -5.27 3.74 11.46
N ILE A 153 -5.73 4.96 11.75
CA ILE A 153 -5.59 5.55 13.07
C ILE A 153 -6.47 4.80 14.08
N ALA A 154 -7.71 4.53 13.70
CA ALA A 154 -8.64 3.79 14.57
C ALA A 154 -8.18 2.34 14.87
N THR A 155 -7.51 1.69 13.90
CA THR A 155 -7.02 0.35 14.21
C THR A 155 -5.89 0.41 15.25
N ILE A 156 -4.99 1.37 15.11
CA ILE A 156 -3.90 1.52 16.08
C ILE A 156 -4.47 1.80 17.46
N GLY A 157 -5.47 2.67 17.52
CA GLY A 157 -6.14 2.97 18.77
C GLY A 157 -6.72 1.76 19.47
N ALA A 158 -7.12 0.75 18.70
CA ALA A 158 -7.75 -0.43 19.26
C ALA A 158 -6.75 -1.43 19.84
N ALA A 159 -5.45 -1.19 19.63
CA ALA A 159 -4.42 -2.18 19.93
C ALA A 159 -4.07 -2.36 21.40
N ASP A 160 -4.06 -3.62 21.83
CA ASP A 160 -3.35 -4.01 23.06
C ASP A 160 -1.87 -4.22 22.72
N GLN A 161 -1.61 -4.84 21.57
CA GLN A 161 -0.25 -5.11 21.10
C GLN A 161 -0.18 -4.71 19.63
N LEU A 162 0.85 -3.95 19.26
CA LEU A 162 1.00 -3.51 17.88
C LEU A 162 2.16 -4.26 17.22
N LEU A 163 1.94 -4.75 16.00
CA LEU A 163 3.02 -5.41 15.25
C LEU A 163 3.18 -4.63 13.95
N ILE A 164 4.42 -4.29 13.62
CA ILE A 164 4.71 -3.50 12.44
C ILE A 164 5.56 -4.31 11.46
N PRO A 165 4.90 -4.92 10.46
CA PRO A 165 5.71 -5.52 9.39
C PRO A 165 6.28 -4.40 8.53
N ALA A 166 7.53 -4.54 8.08
CA ALA A 166 8.18 -3.49 7.34
C ALA A 166 9.12 -4.12 6.34
N GLU A 167 8.98 -3.73 5.09
CA GLU A 167 9.80 -4.30 4.03
C GLU A 167 11.29 -4.12 4.34
N ALA A 168 12.09 -5.13 4.05
CA ALA A 168 13.53 -5.04 4.26
C ALA A 168 14.17 -4.21 3.14
N SER A 169 13.89 -2.91 3.16
CA SER A 169 14.33 -1.99 2.13
C SER A 169 14.25 -0.61 2.73
N THR A 170 14.79 0.39 2.04
CA THR A 170 14.67 1.76 2.49
C THR A 170 13.20 2.20 2.61
N LYS A 171 12.37 1.75 1.69
CA LYS A 171 10.92 1.97 1.78
C LYS A 171 10.31 1.44 3.11
N GLY A 172 10.69 0.23 3.49
CA GLY A 172 10.24 -0.36 4.74
C GLY A 172 10.72 0.39 5.97
N VAL A 173 11.97 0.83 5.94
CA VAL A 173 12.52 1.63 7.02
C VAL A 173 11.68 2.90 7.20
N ASN A 174 11.34 3.53 6.08
CA ASN A 174 10.50 4.71 6.12
C ASN A 174 9.09 4.40 6.66
N SER A 175 8.56 3.23 6.31
CA SER A 175 7.26 2.83 6.85
C SER A 175 7.34 2.68 8.36
N LEU A 176 8.45 2.13 8.86
CA LEU A 176 8.59 1.96 10.31
C LEU A 176 8.66 3.33 10.96
N ILE A 177 9.50 4.20 10.42
CA ILE A 177 9.61 5.56 10.93
C ILE A 177 8.26 6.28 11.01
N ARG A 178 7.50 6.27 9.91
CA ARG A 178 6.26 7.01 9.88
C ARG A 178 5.16 6.35 10.72
N THR A 179 5.11 5.02 10.75
CA THR A 179 4.15 4.33 11.59
C THR A 179 4.36 4.67 13.05
N LEU A 180 5.62 4.71 13.48
CA LEU A 180 5.91 5.09 14.87
C LEU A 180 5.47 6.52 15.20
N GLU A 181 5.59 7.44 14.25
CA GLU A 181 5.11 8.81 14.44
C GLU A 181 3.61 8.85 14.72
N ILE A 182 2.83 8.08 13.97
CA ILE A 182 1.39 8.02 14.25
C ILE A 182 1.12 7.43 15.63
N VAL A 183 1.82 6.36 15.98
CA VAL A 183 1.65 5.73 17.29
C VAL A 183 1.98 6.70 18.42
N GLN A 184 3.08 7.44 18.29
CA GLN A 184 3.44 8.38 19.34
C GLN A 184 2.39 9.47 19.54
N SER A 185 1.91 10.03 18.44
CA SER A 185 0.85 11.03 18.49
C SER A 185 -0.38 10.50 19.22
N LEU A 186 -0.78 9.28 18.88
CA LEU A 186 -1.97 8.70 19.49
C LEU A 186 -1.73 8.32 20.95
N GLU A 187 -0.50 7.97 21.28
CA GLU A 187 -0.16 7.69 22.67
C GLU A 187 -0.24 8.95 23.53
N LYS A 188 0.28 10.05 23.02
CA LYS A 188 0.25 11.32 23.75
C LYS A 188 -1.18 11.76 24.04
N LEU A 189 -2.08 11.56 23.06
CA LEU A 189 -3.49 11.95 23.16
C LEU A 189 -4.36 10.93 23.90
N GLY A 190 -3.76 9.85 24.37
CA GLY A 190 -4.46 8.84 25.14
C GLY A 190 -5.30 7.82 24.39
N ALA A 191 -5.17 7.79 23.06
CA ALA A 191 -5.91 6.83 22.24
C ALA A 191 -5.20 5.48 22.20
N PHE A 192 -3.88 5.52 22.03
CA PHE A 192 -3.08 4.32 22.07
C PHE A 192 -2.59 4.06 23.48
N THR A 193 -3.06 2.95 24.06
CA THR A 193 -2.73 2.59 25.45
C THR A 193 -2.08 1.21 25.52
N GLY A 194 -1.68 0.69 24.38
CA GLY A 194 -1.09 -0.64 24.33
C GLY A 194 0.43 -0.60 24.30
N SER A 195 1.00 -1.69 23.83
CA SER A 195 2.44 -1.75 23.68
C SER A 195 2.80 -2.20 22.26
N ILE A 196 4.03 -1.92 21.86
CA ILE A 196 4.50 -2.36 20.56
C ILE A 196 5.22 -3.69 20.73
N LEU A 197 4.64 -4.75 20.17
CA LEU A 197 5.16 -6.10 20.33
C LEU A 197 6.45 -6.27 19.55
N GLY A 198 6.53 -5.66 18.38
CA GLY A 198 7.79 -5.63 17.65
C GLY A 198 7.62 -5.41 16.17
N VAL A 199 8.72 -5.62 15.44
CA VAL A 199 8.79 -5.35 14.00
C VAL A 199 9.05 -6.66 13.26
N ILE A 200 8.38 -6.89 12.14
CA ILE A 200 8.67 -8.08 11.33
C ILE A 200 9.22 -7.66 9.97
N PRO A 201 10.53 -7.83 9.74
CA PRO A 201 11.04 -7.49 8.39
C PRO A 201 10.41 -8.36 7.31
N PHE A 202 10.04 -7.72 6.20
CA PHE A 202 9.25 -8.35 5.16
C PHE A 202 9.99 -8.40 3.83
N ARG A 203 9.95 -9.55 3.19
CA ARG A 203 10.66 -9.78 1.93
C ARG A 203 12.16 -9.58 2.09
N ASP A 204 12.67 -10.12 3.19
CA ASP A 204 14.12 -10.22 3.44
C ASP A 204 14.68 -11.26 2.48
N LYS A 205 15.70 -10.87 1.70
CA LYS A 205 16.27 -11.71 0.65
C LYS A 205 17.50 -12.45 1.13
N TRP A 206 17.40 -13.77 1.22
CA TRP A 206 18.56 -14.61 1.48
C TRP A 206 18.67 -15.67 0.42
N PHE A 207 19.89 -15.99 0.05
CA PHE A 207 20.19 -17.15 -0.77
C PHE A 207 21.13 -18.03 0.06
N GLY A 208 20.60 -19.11 0.63
CA GLY A 208 21.38 -19.86 1.60
C GLY A 208 21.76 -18.90 2.71
N LEU A 209 23.04 -18.92 3.11
CA LEU A 209 23.47 -18.06 4.21
C LEU A 209 23.95 -16.69 3.77
N SER A 210 23.73 -16.36 2.50
CA SER A 210 24.09 -15.05 2.01
C SER A 210 22.90 -14.11 1.97
N GLN A 211 22.89 -13.11 2.85
CA GLN A 211 21.82 -12.12 2.85
C GLN A 211 22.14 -10.99 1.89
N SER A 212 21.13 -10.57 1.15
CA SER A 212 21.31 -9.49 0.21
C SER A 212 21.78 -8.25 0.95
N LYS A 213 22.68 -7.48 0.34
CA LYS A 213 23.22 -6.28 0.96
C LYS A 213 22.17 -5.25 1.30
N ASP A 214 21.22 -5.05 0.39
CA ASP A 214 20.13 -4.10 0.64
C ASP A 214 19.22 -4.56 1.78
N SER A 215 18.89 -5.85 1.84
CA SER A 215 18.07 -6.33 2.96
C SER A 215 18.78 -6.16 4.30
N ALA A 216 20.08 -6.48 4.33
CA ALA A 216 20.85 -6.40 5.57
C ALA A 216 20.90 -4.95 6.02
N GLY A 217 21.14 -4.04 5.08
CA GLY A 217 21.26 -2.62 5.38
C GLY A 217 19.97 -2.04 5.95
N ALA A 218 18.85 -2.40 5.35
CA ALA A 218 17.54 -1.97 5.83
C ALA A 218 17.24 -2.47 7.23
N ILE A 219 17.50 -3.73 7.50
CA ILE A 219 17.20 -4.29 8.82
C ILE A 219 18.10 -3.65 9.90
N ALA A 220 19.36 -3.39 9.56
CA ALA A 220 20.21 -2.67 10.50
C ALA A 220 19.67 -1.26 10.78
N ALA A 221 19.14 -0.61 9.75
CA ALA A 221 18.60 0.73 9.93
C ALA A 221 17.37 0.70 10.82
N MET A 222 16.55 -0.35 10.70
CA MET A 222 15.35 -0.45 11.53
C MET A 222 15.76 -0.51 12.99
N LYS A 223 16.82 -1.25 13.26
CA LYS A 223 17.28 -1.41 14.64
C LYS A 223 17.85 -0.09 15.14
N GLU A 224 18.45 0.68 14.24
CA GLU A 224 18.92 2.03 14.59
C GLU A 224 17.77 2.97 14.88
N VAL A 225 16.71 2.89 14.07
CA VAL A 225 15.52 3.71 14.30
C VAL A 225 14.85 3.38 15.63
N ALA A 226 14.75 2.09 15.95
CA ALA A 226 14.00 1.66 17.14
C ALA A 226 14.71 0.55 17.90
N PRO A 227 15.85 0.89 18.54
CA PRO A 227 16.70 -0.06 19.28
C PRO A 227 15.95 -0.69 20.44
N GLN A 228 14.86 -0.06 20.85
CA GLN A 228 14.06 -0.52 21.97
C GLN A 228 13.11 -1.65 21.59
N LEU A 229 12.90 -1.86 20.29
CA LEU A 229 11.88 -2.80 19.83
C LEU A 229 12.43 -4.17 19.51
N ARG A 230 11.62 -5.19 19.79
CA ARG A 230 11.95 -6.54 19.34
C ARG A 230 11.87 -6.64 17.81
N ILE A 231 12.91 -7.17 17.18
CA ILE A 231 12.84 -7.52 15.75
C ILE A 231 12.64 -9.01 15.64
N PHE A 232 11.50 -9.42 15.10
CA PHE A 232 11.20 -10.84 14.89
C PHE A 232 11.96 -11.42 13.69
N PRO A 233 12.02 -12.76 13.61
CA PRO A 233 12.64 -13.39 12.44
C PRO A 233 11.92 -12.86 11.20
N SER A 234 12.63 -12.79 10.09
CA SER A 234 12.09 -12.15 8.89
C SER A 234 11.09 -13.02 8.17
N ILE A 235 10.15 -12.37 7.48
CA ILE A 235 9.41 -13.04 6.42
C ILE A 235 10.33 -13.02 5.20
N LEU A 236 10.84 -14.19 4.83
CA LEU A 236 11.78 -14.29 3.73
C LEU A 236 11.09 -14.15 2.37
N GLU A 237 11.74 -13.43 1.46
CA GLU A 237 11.34 -13.41 0.04
C GLU A 237 11.19 -14.83 -0.46
N SER A 238 9.97 -15.19 -0.86
CA SER A 238 9.70 -16.58 -1.25
C SER A 238 8.34 -16.71 -1.91
N GLU A 239 8.29 -17.44 -3.02
CA GLU A 239 7.03 -17.78 -3.68
C GLU A 239 6.12 -18.68 -2.84
N ARG A 240 6.69 -19.37 -1.84
CA ARG A 240 5.89 -20.27 -1.00
C ARG A 240 4.84 -19.54 -0.19
N TYR A 241 5.15 -18.32 0.24
CA TYR A 241 4.19 -17.49 0.96
C TYR A 241 2.95 -17.26 0.12
N LYS A 242 3.16 -16.89 -1.15
CA LYS A 242 2.05 -16.64 -2.07
C LYS A 242 1.26 -17.91 -2.29
N GLN A 243 1.97 -19.02 -2.47
CA GLN A 243 1.33 -20.33 -2.66
C GLN A 243 0.45 -20.72 -1.48
N ALA A 244 0.97 -20.61 -0.26
CA ALA A 244 0.21 -20.99 0.92
C ALA A 244 -1.04 -20.11 1.09
N LEU A 245 -0.87 -18.81 0.87
CA LEU A 245 -1.98 -17.85 0.91
C LEU A 245 -3.08 -18.21 -0.08
N ASN A 246 -2.68 -18.50 -1.31
CA ASN A 246 -3.64 -18.81 -2.38
C ASN A 246 -4.40 -20.10 -2.12
N GLN A 247 -3.77 -21.03 -1.40
CA GLN A 247 -4.42 -22.28 -1.07
C GLN A 247 -5.15 -22.22 0.27
N GLY A 248 -5.02 -21.09 0.96
CA GLY A 248 -5.70 -20.88 2.23
C GLY A 248 -5.18 -21.72 3.39
N ILE A 249 -3.90 -22.09 3.33
CA ILE A 249 -3.30 -22.95 4.36
C ILE A 249 -2.06 -22.33 5.00
N LEU A 250 -1.63 -22.92 6.11
CA LEU A 250 -0.40 -22.50 6.78
C LEU A 250 0.84 -22.94 5.99
N LEU A 251 1.95 -22.27 6.24
CA LEU A 251 3.21 -22.67 5.61
C LEU A 251 3.65 -24.02 6.16
N SER A 252 3.44 -24.21 7.46
CA SER A 252 3.78 -25.49 8.08
C SER A 252 2.98 -26.60 7.43
N GLU A 253 1.70 -26.34 7.18
CA GLU A 253 0.83 -27.28 6.50
C GLU A 253 1.26 -27.52 5.04
N LEU A 254 1.81 -26.48 4.43
CA LEU A 254 2.30 -26.58 3.06
C LEU A 254 3.58 -27.41 3.02
N GLY A 255 4.19 -27.61 4.18
CA GLY A 255 5.45 -28.33 4.26
C GLY A 255 6.66 -27.41 4.20
N TYR A 256 6.56 -26.29 4.92
CA TYR A 256 7.65 -25.32 5.02
C TYR A 256 7.57 -24.63 6.36
N PRO A 257 7.67 -25.42 7.43
CA PRO A 257 7.51 -24.89 8.78
C PRO A 257 8.54 -23.81 9.07
N ASP A 258 9.71 -23.90 8.44
CA ASP A 258 10.75 -22.95 8.76
C ASP A 258 10.42 -21.56 8.25
N LEU A 259 9.61 -21.49 7.19
CA LEU A 259 9.18 -20.18 6.70
C LEU A 259 8.21 -19.54 7.68
N GLU A 260 7.71 -20.32 8.61
CA GLU A 260 6.78 -19.82 9.63
C GLU A 260 7.46 -19.23 10.88
N LYS A 261 8.79 -19.22 10.89
CA LYS A 261 9.52 -18.69 12.05
C LYS A 261 9.10 -17.32 12.55
N PRO A 262 8.79 -16.36 11.65
CA PRO A 262 8.37 -15.04 12.10
C PRO A 262 7.19 -15.14 13.05
N PHE A 263 6.22 -15.97 12.67
CA PHE A 263 4.95 -16.03 13.41
C PHE A 263 5.08 -16.90 14.64
N GLU A 264 5.92 -17.91 14.58
CA GLU A 264 6.22 -18.72 15.76
C GLU A 264 6.95 -17.83 16.78
N GLY A 265 7.79 -16.92 16.28
CA GLY A 265 8.47 -15.94 17.12
C GLY A 265 7.48 -15.04 17.85
N VAL A 266 6.48 -14.54 17.13
CA VAL A 266 5.45 -13.72 17.75
C VAL A 266 4.67 -14.52 18.78
N LYS A 267 4.26 -15.73 18.41
CA LYS A 267 3.48 -16.58 19.31
C LYS A 267 4.23 -16.83 20.61
N GLU A 268 5.55 -17.00 20.52
CA GLU A 268 6.36 -17.27 21.70
C GLU A 268 6.51 -16.01 22.55
N ALA A 269 6.52 -14.85 21.89
CA ALA A 269 6.55 -13.57 22.61
C ALA A 269 5.25 -13.30 23.36
N LEU A 270 4.13 -13.75 22.80
CA LEU A 270 2.83 -13.59 23.45
C LEU A 270 2.66 -14.60 24.58
N GLY A 271 3.28 -15.76 24.44
CA GLY A 271 3.17 -16.83 25.43
C GLY A 271 3.93 -16.49 26.69
N ILE A 272 5.06 -15.82 26.53
CA ILE A 272 5.88 -15.40 27.67
C ILE A 272 5.17 -14.30 28.46
N LYS A 273 4.17 -13.68 27.84
CA LYS A 273 3.38 -12.64 28.50
C LYS A 273 2.22 -13.23 29.30
N GLN A 274 2.09 -14.55 29.26
CA GLN A 274 1.04 -15.23 30.02
C GLN A 274 1.18 -14.91 31.51
N LEU A 275 0.08 -14.50 32.13
CA LEU A 275 0.09 -14.15 33.56
C LEU A 275 0.61 -15.30 34.41
N VAL A 276 1.35 -14.95 35.47
CA VAL A 276 1.95 -15.92 36.36
C VAL A 276 1.65 -15.52 37.81
N GLN A 277 1.76 -16.47 38.74
CA GLN A 277 1.59 -16.16 40.15
C GLN A 277 2.90 -16.35 40.92
N GLY B 18 6.63 26.53 -25.52
CA GLY B 18 6.40 25.69 -26.69
C GLY B 18 5.76 24.35 -26.37
N SER B 19 5.91 23.93 -25.12
CA SER B 19 5.40 22.62 -24.70
C SER B 19 3.90 22.65 -24.40
N HIS B 20 3.26 21.49 -24.57
CA HIS B 20 1.89 21.28 -24.14
C HIS B 20 1.88 20.05 -23.24
N MET B 21 2.24 20.27 -21.98
CA MET B 21 2.50 19.17 -21.05
C MET B 21 1.35 18.17 -20.92
N LYS B 22 1.64 16.90 -21.12
CA LYS B 22 0.66 15.84 -20.89
C LYS B 22 0.92 15.21 -19.52
N THR B 23 -0.10 15.26 -18.65
CA THR B 23 0.07 14.72 -17.32
C THR B 23 -0.31 13.25 -17.30
N LEU B 24 0.68 12.41 -17.00
CA LEU B 24 0.47 10.98 -16.84
C LEU B 24 0.43 10.69 -15.36
N VAL B 25 -0.67 10.12 -14.91
CA VAL B 25 -0.79 9.77 -13.49
C VAL B 25 -0.77 8.27 -13.30
N ILE B 26 0.06 7.81 -12.37
CA ILE B 26 0.15 6.39 -12.06
C ILE B 26 -0.69 6.14 -10.80
N ALA B 27 -1.79 5.40 -10.94
CA ALA B 27 -2.73 5.22 -9.84
C ALA B 27 -3.12 3.76 -9.66
N SER B 28 -3.22 3.34 -8.40
CA SER B 28 -3.69 2.01 -8.06
C SER B 28 -3.95 2.03 -6.56
N LEU B 29 -5.20 1.86 -6.15
CA LEU B 29 -5.56 2.06 -4.75
C LEU B 29 -4.94 1.11 -3.72
N SER B 30 -4.71 -0.13 -4.11
CA SER B 30 -4.05 -1.09 -3.20
C SER B 30 -2.56 -0.79 -3.04
N GLY B 31 -2.01 -1.25 -1.93
CA GLY B 31 -0.60 -1.03 -1.67
C GLY B 31 0.31 -1.94 -2.49
N GLY B 32 1.50 -1.44 -2.83
CA GLY B 32 2.50 -2.27 -3.47
C GLY B 32 2.07 -2.89 -4.78
N GLN B 33 1.55 -2.05 -5.68
CA GLN B 33 1.03 -2.49 -6.97
C GLN B 33 1.97 -2.10 -8.10
N GLY B 34 3.10 -1.49 -7.75
CA GLY B 34 4.07 -1.11 -8.74
C GLY B 34 4.02 0.34 -9.20
N LYS B 35 3.28 1.18 -8.47
CA LYS B 35 3.14 2.58 -8.86
C LYS B 35 4.49 3.29 -8.96
N THR B 36 5.26 3.27 -7.87
CA THR B 36 6.52 3.99 -7.82
C THR B 36 7.56 3.40 -8.78
N THR B 37 7.59 2.08 -8.87
CA THR B 37 8.52 1.42 -9.80
C THR B 37 8.19 1.86 -11.22
N THR B 38 6.91 1.99 -11.52
CA THR B 38 6.49 2.42 -12.86
C THR B 38 6.87 3.88 -13.12
N ALA B 39 6.59 4.75 -12.15
CA ALA B 39 6.89 6.17 -12.30
C ALA B 39 8.38 6.38 -12.54
N PHE B 40 9.20 5.67 -11.77
CA PHE B 40 10.66 5.77 -11.90
C PHE B 40 11.14 5.38 -13.29
N PHE B 41 10.80 4.18 -13.74
CA PHE B 41 11.29 3.70 -15.03
C PHE B 41 10.67 4.41 -16.24
N LEU B 42 9.35 4.57 -16.23
CA LEU B 42 8.67 5.24 -17.33
C LEU B 42 9.17 6.67 -17.50
N GLY B 43 9.29 7.38 -16.39
CA GLY B 43 9.76 8.76 -16.42
C GLY B 43 11.19 8.88 -16.94
N LYS B 44 12.08 8.02 -16.48
CA LYS B 44 13.47 8.05 -16.97
C LYS B 44 13.51 7.76 -18.46
N LEU B 45 12.69 6.80 -18.89
CA LEU B 45 12.65 6.44 -20.31
C LEU B 45 12.10 7.57 -21.17
N LEU B 46 11.06 8.24 -20.67
CA LEU B 46 10.48 9.36 -21.42
C LEU B 46 11.45 10.54 -21.53
N SER B 47 12.36 10.66 -20.56
CA SER B 47 13.28 11.79 -20.52
C SER B 47 14.40 11.68 -21.56
N GLN B 48 14.45 10.56 -22.27
CA GLN B 48 15.47 10.39 -23.31
C GLN B 48 15.34 11.40 -24.44
N SER B 49 14.12 11.85 -24.71
CA SER B 49 13.91 12.77 -25.82
C SER B 49 12.85 13.82 -25.50
N ALA B 50 12.51 13.94 -24.22
CA ALA B 50 11.46 14.87 -23.79
C ALA B 50 11.75 15.44 -22.41
N LYS B 51 11.19 16.60 -22.11
CA LYS B 51 11.36 17.20 -20.80
C LYS B 51 10.30 16.66 -19.87
N VAL B 52 10.74 15.96 -18.83
CA VAL B 52 9.83 15.29 -17.91
C VAL B 52 9.83 15.90 -16.51
N LEU B 53 8.63 16.23 -16.04
CA LEU B 53 8.44 16.68 -14.67
C LEU B 53 7.92 15.53 -13.81
N PHE B 54 8.76 14.99 -12.94
CA PHE B 54 8.32 14.00 -11.96
C PHE B 54 7.61 14.71 -10.81
N ILE B 55 6.52 14.12 -10.33
CA ILE B 55 5.89 14.60 -9.11
C ILE B 55 5.70 13.46 -8.13
N ASP B 56 6.30 13.57 -6.96
CA ASP B 56 6.10 12.58 -5.92
C ASP B 56 4.90 13.00 -5.07
N ALA B 57 3.74 12.41 -5.31
CA ALA B 57 2.54 12.73 -4.51
C ALA B 57 2.29 11.79 -3.32
N ALA B 58 3.29 10.99 -2.95
CA ALA B 58 3.14 10.06 -1.83
C ALA B 58 3.82 10.55 -0.56
N PRO B 59 3.08 10.64 0.56
CA PRO B 59 3.73 11.07 1.80
C PRO B 59 4.87 10.17 2.25
N GLN B 60 4.88 8.90 1.83
CA GLN B 60 6.00 8.04 2.23
C GLN B 60 7.28 8.44 1.46
N SER B 61 7.11 9.20 0.39
CA SER B 61 8.21 9.84 -0.35
C SER B 61 9.24 8.90 -0.99
N ASN B 62 8.78 7.75 -1.48
CA ASN B 62 9.73 6.83 -2.07
C ASN B 62 10.42 7.36 -3.37
N LEU B 63 9.65 7.98 -4.26
CA LEU B 63 10.20 8.37 -5.56
C LEU B 63 11.24 9.48 -5.41
N THR B 64 10.97 10.41 -4.50
CA THR B 64 11.88 11.50 -4.22
C THR B 64 13.27 10.94 -3.88
N PHE B 65 13.27 9.94 -3.02
CA PHE B 65 14.52 9.29 -2.63
C PHE B 65 15.19 8.55 -3.80
N PHE B 66 14.40 7.82 -4.58
CA PHE B 66 14.93 6.99 -5.68
C PHE B 66 15.55 7.83 -6.79
N LEU B 67 15.04 9.05 -6.95
CA LEU B 67 15.55 9.99 -7.95
C LEU B 67 16.77 10.75 -7.44
N GLY B 68 17.18 10.45 -6.21
CA GLY B 68 18.40 11.00 -5.64
C GLY B 68 18.26 12.37 -5.04
N HIS B 69 17.04 12.78 -4.74
CA HIS B 69 16.80 14.12 -4.23
C HIS B 69 16.59 14.15 -2.72
N GLU B 70 17.32 15.02 -2.03
CA GLU B 70 17.05 15.25 -0.62
C GLU B 70 16.37 16.61 -0.38
N VAL B 71 15.37 16.61 0.48
CA VAL B 71 14.61 17.81 0.79
C VAL B 71 15.21 18.56 1.98
N GLU B 72 15.78 19.73 1.71
CA GLU B 72 16.35 20.56 2.77
C GLU B 72 15.27 21.17 3.65
N PRO B 73 15.60 21.40 4.94
CA PRO B 73 14.66 21.80 5.99
C PRO B 73 13.56 22.78 5.55
N SER B 74 13.97 23.95 5.05
CA SER B 74 12.99 24.99 4.72
C SER B 74 12.69 25.06 3.23
N ALA B 75 12.86 23.95 2.53
CA ALA B 75 12.65 23.92 1.09
C ALA B 75 11.20 23.59 0.74
N PRO B 76 10.62 24.33 -0.22
CA PRO B 76 9.25 24.13 -0.69
C PRO B 76 9.08 22.80 -1.41
N THR B 77 8.04 22.06 -1.06
CA THR B 77 7.77 20.76 -1.68
C THR B 77 6.39 20.79 -2.32
N LEU B 78 5.84 19.60 -2.61
CA LEU B 78 4.50 19.51 -3.16
C LEU B 78 3.48 20.09 -2.20
N LEU B 79 3.73 19.92 -0.90
CA LEU B 79 2.84 20.48 0.11
C LEU B 79 2.62 21.97 -0.09
N GLU B 80 3.72 22.72 -0.20
CA GLU B 80 3.64 24.17 -0.35
C GLU B 80 2.93 24.58 -1.64
N LEU B 81 3.12 23.79 -2.70
CA LEU B 81 2.45 24.04 -3.96
C LEU B 81 0.94 23.86 -3.83
N ILE B 82 0.54 22.70 -3.34
CA ILE B 82 -0.88 22.41 -3.14
C ILE B 82 -1.56 23.48 -2.28
N LYS B 83 -0.89 23.88 -1.20
CA LYS B 83 -1.43 24.91 -0.31
C LYS B 83 -1.31 26.33 -0.90
N ASP B 84 -0.80 26.40 -2.12
CA ASP B 84 -0.63 27.68 -2.82
C ASP B 84 0.21 28.65 -1.99
N MET B 85 1.19 28.12 -1.28
CA MET B 85 2.08 28.93 -0.44
C MET B 85 3.29 29.42 -1.23
N VAL B 86 3.51 28.84 -2.40
CA VAL B 86 4.59 29.24 -3.29
C VAL B 86 4.14 29.18 -4.74
N GLU B 87 4.85 29.89 -5.61
CA GLU B 87 4.62 29.75 -7.04
C GLU B 87 5.08 28.35 -7.47
N PRO B 88 4.40 27.78 -8.48
CA PRO B 88 4.70 26.42 -8.94
C PRO B 88 6.17 26.20 -9.28
N ALA B 89 6.78 27.15 -9.98
CA ALA B 89 8.18 26.99 -10.39
C ALA B 89 9.14 26.91 -9.21
N ASP B 90 8.71 27.37 -8.04
CA ASP B 90 9.56 27.39 -6.85
C ASP B 90 9.63 26.03 -6.16
N ALA B 91 8.65 25.17 -6.41
CA ALA B 91 8.63 23.83 -5.83
C ALA B 91 9.25 22.82 -6.80
N VAL B 92 9.79 23.31 -7.91
CA VAL B 92 10.39 22.46 -8.93
C VAL B 92 11.92 22.45 -8.83
N TYR B 93 12.49 21.26 -8.72
CA TYR B 93 13.94 21.12 -8.60
C TYR B 93 14.51 20.34 -9.78
N SER B 94 15.69 20.76 -10.24
CA SER B 94 16.37 20.08 -11.33
C SER B 94 17.03 18.81 -10.81
N LEU B 95 17.08 17.78 -11.64
CA LEU B 95 17.75 16.54 -11.27
C LEU B 95 19.02 16.39 -12.07
N ALA B 96 19.73 15.29 -11.86
CA ALA B 96 20.99 15.04 -12.55
C ALA B 96 20.83 15.25 -14.05
N ASN B 97 19.85 14.57 -14.64
CA ASN B 97 19.58 14.66 -16.06
C ASN B 97 18.93 15.99 -16.43
N SER B 98 19.37 16.59 -17.54
CA SER B 98 18.90 17.92 -17.93
C SER B 98 17.47 17.92 -18.46
N ASN B 99 16.92 16.74 -18.73
CA ASN B 99 15.52 16.63 -19.15
C ASN B 99 14.63 16.16 -18.01
N GLN B 100 15.16 16.17 -16.78
CA GLN B 100 14.42 15.66 -15.64
C GLN B 100 14.30 16.68 -14.53
N PHE B 101 13.10 16.82 -13.99
CA PHE B 101 12.81 17.76 -12.91
C PHE B 101 11.88 17.06 -11.95
N LEU B 102 11.77 17.59 -10.73
CA LEU B 102 10.94 16.95 -9.71
C LEU B 102 10.29 17.95 -8.76
N ILE B 103 9.01 17.74 -8.49
CA ILE B 103 8.38 18.35 -7.33
C ILE B 103 8.38 17.26 -6.26
N PRO B 104 9.23 17.43 -5.24
CA PRO B 104 9.43 16.37 -4.24
C PRO B 104 8.38 16.39 -3.16
N SER B 105 8.42 15.35 -2.33
CA SER B 105 7.58 15.32 -1.17
C SER B 105 8.40 14.87 0.03
N ASP B 106 7.85 15.09 1.22
CA ASP B 106 8.37 14.50 2.44
C ASP B 106 7.19 14.13 3.32
N ASP B 107 7.43 13.51 4.46
CA ASP B 107 6.30 12.91 5.16
C ASP B 107 5.24 13.92 5.60
N GLY B 108 5.62 15.20 5.66
CA GLY B 108 4.66 16.24 6.01
C GLY B 108 3.53 16.41 5.01
N LEU B 109 3.66 15.79 3.84
CA LEU B 109 2.68 15.92 2.77
C LEU B 109 1.28 15.45 3.15
N SER B 110 1.17 14.55 4.14
CA SER B 110 -0.14 14.07 4.54
C SER B 110 -0.98 15.22 5.07
N ASN B 111 -0.31 16.33 5.41
CA ASN B 111 -1.03 17.55 5.82
C ASN B 111 -1.88 18.16 4.70
N ALA B 112 -1.54 17.84 3.44
CA ALA B 112 -2.35 18.31 2.31
C ALA B 112 -3.72 17.64 2.30
N GLN B 113 -3.80 16.50 2.99
CA GLN B 113 -5.00 15.69 3.08
C GLN B 113 -6.23 16.52 3.46
N GLU B 114 -6.09 17.38 4.45
CA GLU B 114 -7.27 18.16 4.82
C GLU B 114 -7.34 19.49 4.07
N TYR B 115 -6.20 20.08 3.75
CA TYR B 115 -6.24 21.28 2.91
C TYR B 115 -7.14 20.99 1.72
N LEU B 116 -6.87 19.85 1.06
CA LEU B 116 -7.70 19.37 -0.03
C LEU B 116 -9.17 19.19 0.37
N ALA B 117 -9.43 18.51 1.48
CA ALA B 117 -10.81 18.32 1.94
C ALA B 117 -11.48 19.67 2.18
N SER B 118 -10.76 20.57 2.84
CA SER B 118 -11.31 21.88 3.20
C SER B 118 -11.71 22.74 1.99
N SER B 119 -10.99 22.61 0.89
CA SER B 119 -11.27 23.43 -0.30
C SER B 119 -12.64 23.17 -0.90
N GLY B 120 -13.16 21.96 -0.69
CA GLY B 120 -14.40 21.54 -1.31
C GLY B 120 -14.26 21.19 -2.78
N MET B 121 -13.04 21.25 -3.29
CA MET B 121 -12.77 20.98 -4.72
C MET B 121 -11.44 20.24 -4.82
N GLY B 122 -11.11 19.45 -3.79
CA GLY B 122 -9.80 18.82 -3.72
C GLY B 122 -9.36 18.09 -4.98
N ALA B 123 -10.28 17.39 -5.63
CA ALA B 123 -9.96 16.60 -6.82
C ALA B 123 -9.40 17.41 -7.99
N VAL B 124 -9.62 18.72 -7.99
CA VAL B 124 -9.12 19.58 -9.07
C VAL B 124 -8.08 20.61 -8.63
N VAL B 125 -7.70 20.57 -7.36
CA VAL B 125 -6.69 21.50 -6.85
C VAL B 125 -5.31 21.28 -7.45
N LEU B 126 -4.85 20.05 -7.48
CA LEU B 126 -3.53 19.79 -8.04
C LEU B 126 -3.54 20.08 -9.54
N LYS B 127 -4.59 19.64 -10.21
CA LYS B 127 -4.84 19.99 -11.61
C LYS B 127 -4.67 21.50 -11.84
N ALA B 128 -5.27 22.31 -10.97
CA ALA B 128 -5.18 23.76 -11.09
C ALA B 128 -3.77 24.30 -10.85
N ARG B 129 -3.11 23.76 -9.82
CA ARG B 129 -1.77 24.21 -9.44
C ARG B 129 -0.72 23.95 -10.53
N LEU B 130 -0.89 22.88 -11.31
CA LEU B 130 0.09 22.52 -12.34
C LEU B 130 -0.04 23.26 -13.67
N LYS B 131 -1.24 23.78 -13.95
CA LYS B 131 -1.49 24.46 -15.22
C LYS B 131 -0.42 25.48 -15.63
N PRO B 132 0.09 26.27 -14.67
CA PRO B 132 1.13 27.26 -14.99
C PRO B 132 2.44 26.66 -15.46
N LEU B 133 2.64 25.37 -15.22
CA LEU B 133 3.85 24.69 -15.63
C LEU B 133 3.70 24.04 -17.02
N SER B 134 2.50 24.14 -17.58
CA SER B 134 2.16 23.49 -18.86
C SER B 134 3.18 23.63 -19.98
N GLU B 135 3.57 24.86 -20.28
CA GLU B 135 4.41 25.12 -21.44
C GLU B 135 5.91 24.96 -21.15
N TYR B 136 6.25 24.43 -19.97
CA TYR B 136 7.65 24.24 -19.62
C TYR B 136 8.10 22.79 -19.78
N PHE B 137 7.14 21.88 -19.89
CA PHE B 137 7.45 20.45 -19.92
C PHE B 137 6.67 19.70 -20.98
N ASP B 138 7.22 18.59 -21.44
CA ASP B 138 6.52 17.71 -22.38
C ASP B 138 5.65 16.70 -21.65
N TYR B 139 6.15 16.17 -20.53
CA TYR B 139 5.40 15.22 -19.72
C TYR B 139 5.51 15.52 -18.25
N CYS B 140 4.41 15.31 -17.53
CA CYS B 140 4.42 15.31 -16.09
C CYS B 140 4.01 13.89 -15.68
N ILE B 141 4.83 13.25 -14.85
CA ILE B 141 4.54 11.90 -14.34
C ILE B 141 4.29 11.95 -12.84
N ILE B 142 3.08 11.58 -12.42
CA ILE B 142 2.74 11.69 -11.01
C ILE B 142 2.61 10.33 -10.37
N ASP B 143 3.38 10.12 -9.30
CA ASP B 143 3.32 8.90 -8.51
C ASP B 143 2.30 9.08 -7.39
N SER B 144 1.27 8.22 -7.36
CA SER B 144 0.17 8.34 -6.39
C SER B 144 0.40 7.45 -5.19
N PRO B 145 -0.10 7.87 -4.02
CA PRO B 145 -0.09 6.97 -2.86
C PRO B 145 -1.23 5.94 -2.97
N PRO B 146 -1.20 4.87 -2.15
CA PRO B 146 -2.32 3.93 -2.10
C PRO B 146 -3.43 4.48 -1.21
N ALA B 147 -4.56 3.77 -1.21
CA ALA B 147 -5.74 4.13 -0.41
C ALA B 147 -6.53 5.28 -1.01
N ARG B 148 -7.86 5.23 -0.86
CA ARG B 148 -8.71 6.33 -1.27
C ARG B 148 -8.60 7.45 -0.26
N THR B 149 -7.96 8.55 -0.66
CA THR B 149 -7.78 9.73 0.20
C THR B 149 -7.86 10.98 -0.68
N GLN B 150 -7.85 12.16 -0.06
CA GLN B 150 -7.88 13.40 -0.81
C GLN B 150 -6.70 13.48 -1.78
N ILE B 151 -5.54 12.97 -1.37
CA ILE B 151 -4.38 13.06 -2.26
C ILE B 151 -4.51 12.14 -3.47
N SER B 152 -4.94 10.89 -3.28
CA SER B 152 -5.02 9.99 -4.43
C SER B 152 -6.15 10.38 -5.38
N ILE B 153 -7.17 11.04 -4.85
CA ILE B 153 -8.23 11.56 -5.69
C ILE B 153 -7.75 12.79 -6.47
N ALA B 154 -6.93 13.62 -5.84
CA ALA B 154 -6.41 14.80 -6.52
C ALA B 154 -5.41 14.44 -7.62
N THR B 155 -4.63 13.37 -7.45
CA THR B 155 -3.72 13.00 -8.54
C THR B 155 -4.52 12.52 -9.74
N ILE B 156 -5.55 11.73 -9.48
CA ILE B 156 -6.40 11.24 -10.56
C ILE B 156 -7.07 12.39 -11.29
N GLY B 157 -7.57 13.37 -10.53
CA GLY B 157 -8.19 14.55 -11.12
C GLY B 157 -7.25 15.32 -12.05
N ALA B 158 -5.96 15.21 -11.80
CA ALA B 158 -4.97 15.97 -12.56
C ALA B 158 -4.61 15.31 -13.88
N ALA B 159 -5.09 14.09 -14.11
CA ALA B 159 -4.62 13.25 -15.22
C ALA B 159 -5.16 13.61 -16.61
N ASP B 160 -4.24 13.74 -17.57
CA ASP B 160 -4.60 13.70 -18.97
C ASP B 160 -4.69 12.24 -19.38
N GLN B 161 -3.76 11.44 -18.85
CA GLN B 161 -3.70 10.01 -19.15
C GLN B 161 -3.46 9.26 -17.86
N LEU B 162 -4.30 8.26 -17.60
CA LEU B 162 -4.19 7.48 -16.36
C LEU B 162 -3.60 6.10 -16.66
N LEU B 163 -2.64 5.67 -15.85
CA LEU B 163 -1.98 4.37 -15.99
C LEU B 163 -2.16 3.60 -14.69
N ILE B 164 -2.67 2.37 -14.76
CA ILE B 164 -2.96 1.58 -13.55
C ILE B 164 -2.10 0.32 -13.49
N PRO B 165 -1.01 0.36 -12.72
CA PRO B 165 -0.30 -0.91 -12.51
C PRO B 165 -1.11 -1.73 -11.52
N ALA B 166 -1.20 -3.04 -11.76
CA ALA B 166 -2.02 -3.90 -10.90
C ALA B 166 -1.36 -5.27 -10.79
N GLU B 167 -1.16 -5.73 -9.56
CA GLU B 167 -0.50 -7.01 -9.33
C GLU B 167 -1.21 -8.13 -10.10
N ALA B 168 -0.44 -9.05 -10.66
CA ALA B 168 -1.02 -10.16 -11.42
C ALA B 168 -1.46 -11.23 -10.44
N SER B 169 -2.51 -10.90 -9.69
CA SER B 169 -3.05 -11.74 -8.63
C SER B 169 -4.43 -11.24 -8.30
N THR B 170 -5.14 -11.94 -7.41
CA THR B 170 -6.48 -11.50 -7.04
C THR B 170 -6.47 -10.12 -6.39
N LYS B 171 -5.43 -9.84 -5.61
CA LYS B 171 -5.27 -8.53 -5.00
C LYS B 171 -5.22 -7.43 -6.06
N GLY B 172 -4.44 -7.67 -7.11
CA GLY B 172 -4.29 -6.71 -8.18
C GLY B 172 -5.58 -6.48 -8.95
N VAL B 173 -6.34 -7.55 -9.19
CA VAL B 173 -7.64 -7.39 -9.86
C VAL B 173 -8.57 -6.48 -9.05
N ASN B 174 -8.61 -6.69 -7.73
CA ASN B 174 -9.38 -5.82 -6.86
C ASN B 174 -8.89 -4.37 -6.94
N SER B 175 -7.57 -4.18 -7.00
CA SER B 175 -7.03 -2.82 -7.10
C SER B 175 -7.51 -2.16 -8.39
N LEU B 176 -7.42 -2.90 -9.49
CA LEU B 176 -7.92 -2.43 -10.78
C LEU B 176 -9.39 -1.99 -10.66
N ILE B 177 -10.21 -2.86 -10.10
CA ILE B 177 -11.65 -2.59 -10.00
C ILE B 177 -11.95 -1.34 -9.17
N ARG B 178 -11.36 -1.25 -7.98
CA ARG B 178 -11.63 -0.12 -7.09
C ARG B 178 -11.08 1.20 -7.64
N THR B 179 -9.92 1.13 -8.29
CA THR B 179 -9.33 2.31 -8.93
C THR B 179 -10.26 2.83 -10.03
N LEU B 180 -10.76 1.92 -10.85
CA LEU B 180 -11.69 2.29 -11.90
C LEU B 180 -12.98 2.91 -11.32
N GLU B 181 -13.39 2.45 -10.14
CA GLU B 181 -14.60 3.00 -9.51
C GLU B 181 -14.42 4.48 -9.15
N ILE B 182 -13.25 4.84 -8.62
CA ILE B 182 -12.98 6.22 -8.25
C ILE B 182 -12.90 7.10 -9.49
N VAL B 183 -12.23 6.61 -10.52
CA VAL B 183 -12.16 7.35 -11.77
C VAL B 183 -13.56 7.59 -12.34
N GLN B 184 -14.40 6.56 -12.34
CA GLN B 184 -15.76 6.70 -12.86
C GLN B 184 -16.57 7.75 -12.08
N SER B 185 -16.37 7.79 -10.76
CA SER B 185 -17.07 8.75 -9.91
C SER B 185 -16.56 10.18 -10.12
N LEU B 186 -15.25 10.32 -10.28
CA LEU B 186 -14.63 11.62 -10.53
C LEU B 186 -14.97 12.13 -11.92
N GLU B 187 -15.17 11.20 -12.85
CA GLU B 187 -15.54 11.59 -14.20
C GLU B 187 -16.96 12.20 -14.16
N LYS B 188 -17.83 11.57 -13.38
CA LYS B 188 -19.21 12.03 -13.26
C LYS B 188 -19.28 13.45 -12.71
N LEU B 189 -18.42 13.74 -11.74
CA LEU B 189 -18.40 15.03 -11.06
C LEU B 189 -17.58 16.08 -11.83
N GLY B 190 -16.96 15.67 -12.92
CA GLY B 190 -16.25 16.60 -13.77
C GLY B 190 -14.82 16.90 -13.36
N ALA B 191 -14.29 16.14 -12.41
CA ALA B 191 -12.90 16.31 -12.00
C ALA B 191 -11.94 15.55 -12.91
N PHE B 192 -12.30 14.33 -13.31
CA PHE B 192 -11.50 13.57 -14.26
C PHE B 192 -11.98 13.82 -15.68
N THR B 193 -11.12 14.43 -16.50
CA THR B 193 -11.46 14.75 -17.88
C THR B 193 -10.45 14.13 -18.86
N GLY B 194 -9.64 13.22 -18.34
CA GLY B 194 -8.64 12.56 -19.15
C GLY B 194 -9.12 11.25 -19.76
N SER B 195 -8.18 10.37 -20.10
CA SER B 195 -8.52 9.03 -20.57
C SER B 195 -7.65 8.02 -19.85
N ILE B 196 -8.06 6.75 -19.88
CA ILE B 196 -7.29 5.70 -19.23
C ILE B 196 -6.39 5.07 -20.29
N LEU B 197 -5.09 5.26 -20.13
CA LEU B 197 -4.13 4.80 -21.12
C LEU B 197 -4.03 3.28 -21.12
N GLY B 198 -4.16 2.68 -19.94
CA GLY B 198 -4.13 1.23 -19.84
C GLY B 198 -3.69 0.69 -18.50
N VAL B 199 -3.47 -0.63 -18.48
CA VAL B 199 -3.17 -1.38 -17.26
C VAL B 199 -1.83 -2.10 -17.44
N ILE B 200 -0.97 -2.04 -16.42
CA ILE B 200 0.30 -2.76 -16.45
C ILE B 200 0.31 -3.84 -15.36
N PRO B 201 0.22 -5.11 -15.77
CA PRO B 201 0.29 -6.17 -14.75
C PRO B 201 1.64 -6.15 -14.05
N PHE B 202 1.61 -6.39 -12.74
CA PHE B 202 2.79 -6.20 -11.91
C PHE B 202 3.13 -7.50 -11.19
N ARG B 203 4.40 -7.88 -11.22
CA ARG B 203 4.86 -9.12 -10.60
C ARG B 203 4.20 -10.34 -11.24
N ASP B 204 4.14 -10.30 -12.57
CA ASP B 204 3.63 -11.39 -13.39
C ASP B 204 4.68 -12.50 -13.31
N LYS B 205 4.32 -13.64 -12.72
CA LYS B 205 5.31 -14.68 -12.44
C LYS B 205 5.40 -15.72 -13.54
N TRP B 206 6.60 -15.85 -14.12
CA TRP B 206 6.86 -16.87 -15.12
C TRP B 206 7.89 -17.86 -14.60
N PHE B 207 7.68 -19.14 -14.90
CA PHE B 207 8.66 -20.17 -14.59
C PHE B 207 9.36 -20.52 -15.88
N GLY B 208 10.53 -19.90 -16.09
CA GLY B 208 11.21 -20.04 -17.37
C GLY B 208 10.28 -19.51 -18.44
N LEU B 209 9.98 -20.35 -19.43
CA LEU B 209 9.18 -19.92 -20.57
C LEU B 209 7.68 -20.10 -20.38
N SER B 210 7.27 -20.59 -19.20
CA SER B 210 5.86 -20.83 -18.93
C SER B 210 5.33 -19.92 -17.83
N GLN B 211 4.15 -19.35 -18.07
CA GLN B 211 3.57 -18.41 -17.12
C GLN B 211 2.92 -19.16 -15.95
N SER B 212 3.04 -18.62 -14.75
CA SER B 212 2.32 -19.18 -13.62
C SER B 212 0.81 -19.09 -13.87
N LYS B 213 0.09 -20.16 -13.56
CA LYS B 213 -1.36 -20.20 -13.74
C LYS B 213 -2.08 -19.06 -13.00
N ASP B 214 -1.62 -18.72 -11.79
CA ASP B 214 -2.26 -17.63 -11.03
C ASP B 214 -2.09 -16.26 -11.69
N SER B 215 -0.87 -15.96 -12.16
CA SER B 215 -0.61 -14.72 -12.89
C SER B 215 -1.44 -14.64 -14.18
N ALA B 216 -1.36 -15.69 -14.98
CA ALA B 216 -2.17 -15.78 -16.21
C ALA B 216 -3.66 -15.56 -15.91
N GLY B 217 -4.14 -16.18 -14.84
CA GLY B 217 -5.55 -16.09 -14.49
C GLY B 217 -5.97 -14.69 -14.07
N ALA B 218 -5.10 -14.00 -13.32
CA ALA B 218 -5.39 -12.64 -12.88
C ALA B 218 -5.47 -11.67 -14.05
N ILE B 219 -4.51 -11.77 -14.97
CA ILE B 219 -4.51 -10.91 -16.15
C ILE B 219 -5.75 -11.18 -16.99
N ALA B 220 -6.09 -12.45 -17.15
CA ALA B 220 -7.30 -12.79 -17.90
C ALA B 220 -8.51 -12.16 -17.24
N ALA B 221 -8.51 -12.12 -15.90
CA ALA B 221 -9.60 -11.51 -15.16
C ALA B 221 -9.62 -9.98 -15.35
N MET B 222 -8.45 -9.38 -15.44
CA MET B 222 -8.38 -7.94 -15.70
C MET B 222 -9.07 -7.59 -17.01
N LYS B 223 -8.81 -8.38 -18.05
CA LYS B 223 -9.43 -8.13 -19.35
C LYS B 223 -10.96 -8.25 -19.29
N GLU B 224 -11.47 -9.15 -18.45
CA GLU B 224 -12.92 -9.29 -18.29
C GLU B 224 -13.52 -8.08 -17.58
N VAL B 225 -12.81 -7.61 -16.56
CA VAL B 225 -13.25 -6.47 -15.77
C VAL B 225 -13.35 -5.23 -16.64
N ALA B 226 -12.33 -5.02 -17.47
CA ALA B 226 -12.26 -3.81 -18.28
C ALA B 226 -11.83 -4.13 -19.70
N PRO B 227 -12.75 -4.67 -20.50
CA PRO B 227 -12.52 -5.12 -21.88
C PRO B 227 -12.00 -4.01 -22.81
N GLN B 228 -12.34 -2.75 -22.51
CA GLN B 228 -11.99 -1.63 -23.37
C GLN B 228 -10.55 -1.12 -23.13
N LEU B 229 -9.92 -1.57 -22.06
CA LEU B 229 -8.60 -1.06 -21.69
C LEU B 229 -7.46 -1.85 -22.31
N ARG B 230 -6.41 -1.13 -22.70
CA ARG B 230 -5.18 -1.75 -23.17
C ARG B 230 -4.47 -2.41 -21.99
N ILE B 231 -4.03 -3.65 -22.19
CA ILE B 231 -3.17 -4.30 -21.22
C ILE B 231 -1.75 -4.27 -21.77
N PHE B 232 -0.87 -3.52 -21.13
CA PHE B 232 0.52 -3.43 -21.55
C PHE B 232 1.30 -4.68 -21.17
N PRO B 233 2.48 -4.88 -21.79
CA PRO B 233 3.38 -5.96 -21.34
C PRO B 233 3.59 -5.88 -19.83
N SER B 234 3.76 -7.01 -19.18
CA SER B 234 3.86 -7.06 -17.71
C SER B 234 5.22 -6.63 -17.16
N ILE B 235 5.18 -6.12 -15.93
CA ILE B 235 6.38 -6.01 -15.11
C ILE B 235 6.57 -7.40 -14.53
N LEU B 236 7.52 -8.16 -15.09
CA LEU B 236 7.71 -9.55 -14.67
C LEU B 236 8.25 -9.64 -13.24
N GLU B 237 7.79 -10.63 -12.49
CA GLU B 237 8.39 -10.93 -11.18
C GLU B 237 9.88 -11.17 -11.40
N SER B 238 10.70 -10.27 -10.85
CA SER B 238 12.15 -10.33 -11.07
C SER B 238 12.84 -9.38 -10.11
N GLU B 239 14.01 -9.78 -9.61
CA GLU B 239 14.78 -8.91 -8.74
C GLU B 239 15.55 -7.84 -9.51
N ARG B 240 15.61 -7.97 -10.84
CA ARG B 240 16.37 -7.03 -11.67
C ARG B 240 15.80 -5.61 -11.62
N TYR B 241 14.50 -5.46 -11.41
CA TYR B 241 13.93 -4.12 -11.31
C TYR B 241 14.50 -3.34 -10.12
N LYS B 242 14.49 -3.94 -8.95
CA LYS B 242 15.05 -3.25 -7.79
C LYS B 242 16.55 -3.08 -7.94
N GLN B 243 17.22 -4.05 -8.59
CA GLN B 243 18.66 -3.94 -8.86
C GLN B 243 18.97 -2.70 -9.66
N ALA B 244 18.23 -2.49 -10.76
CA ALA B 244 18.45 -1.32 -11.58
C ALA B 244 18.06 -0.06 -10.81
N LEU B 245 16.94 -0.14 -10.10
CA LEU B 245 16.43 1.02 -9.37
C LEU B 245 17.47 1.49 -8.37
N ASN B 246 18.04 0.55 -7.63
CA ASN B 246 19.03 0.89 -6.63
C ASN B 246 20.30 1.51 -7.19
N GLN B 247 20.61 1.22 -8.45
CA GLN B 247 21.80 1.75 -9.10
C GLN B 247 21.51 3.03 -9.88
N GLY B 248 20.24 3.42 -9.91
CA GLY B 248 19.84 4.66 -10.56
C GLY B 248 19.83 4.55 -12.07
N ILE B 249 19.68 3.34 -12.58
CA ILE B 249 19.73 3.13 -14.04
C ILE B 249 18.50 2.45 -14.63
N LEU B 250 18.44 2.43 -15.95
CA LEU B 250 17.34 1.78 -16.66
C LEU B 250 17.60 0.29 -16.74
N LEU B 251 16.53 -0.49 -16.82
CA LEU B 251 16.65 -1.92 -17.07
C LEU B 251 17.47 -2.22 -18.32
N SER B 252 17.27 -1.45 -19.39
CA SER B 252 18.08 -1.63 -20.59
C SER B 252 19.57 -1.41 -20.28
N GLU B 253 19.85 -0.36 -19.49
CA GLU B 253 21.23 -0.04 -19.12
C GLU B 253 21.85 -1.11 -18.23
N LEU B 254 21.04 -1.79 -17.44
CA LEU B 254 21.51 -2.90 -16.62
C LEU B 254 21.78 -4.16 -17.46
N GLY B 255 21.24 -4.18 -18.68
CA GLY B 255 21.44 -5.30 -19.59
C GLY B 255 20.21 -6.19 -19.76
N TYR B 256 19.06 -5.68 -19.35
CA TYR B 256 17.80 -6.43 -19.41
C TYR B 256 16.70 -5.67 -20.15
N PRO B 257 16.89 -5.44 -21.46
CA PRO B 257 15.96 -4.65 -22.27
C PRO B 257 14.55 -5.22 -22.27
N ASP B 258 14.42 -6.54 -22.26
CA ASP B 258 13.10 -7.18 -22.24
C ASP B 258 12.24 -6.72 -21.07
N LEU B 259 12.85 -6.52 -19.91
CA LEU B 259 12.13 -6.13 -18.71
C LEU B 259 11.56 -4.71 -18.83
N GLU B 260 12.05 -3.99 -19.84
CA GLU B 260 11.69 -2.59 -20.03
C GLU B 260 10.45 -2.45 -20.91
N LYS B 261 9.99 -3.56 -21.48
CA LYS B 261 8.91 -3.46 -22.47
C LYS B 261 7.55 -2.96 -21.99
N PRO B 262 7.21 -3.16 -20.70
CA PRO B 262 5.98 -2.50 -20.25
C PRO B 262 6.05 -1.00 -20.50
N PHE B 263 7.21 -0.41 -20.24
CA PHE B 263 7.39 1.03 -20.37
C PHE B 263 7.56 1.48 -21.81
N GLU B 264 8.20 0.66 -22.63
CA GLU B 264 8.33 0.95 -24.05
C GLU B 264 6.94 0.92 -24.68
N GLY B 265 6.09 0.03 -24.18
CA GLY B 265 4.74 -0.11 -24.70
C GLY B 265 3.92 1.14 -24.42
N VAL B 266 4.06 1.66 -23.21
CA VAL B 266 3.40 2.91 -22.83
C VAL B 266 3.88 4.06 -23.72
N LYS B 267 5.19 4.17 -23.86
CA LYS B 267 5.81 5.21 -24.68
C LYS B 267 5.26 5.17 -26.10
N GLU B 268 5.14 3.97 -26.65
CA GLU B 268 4.57 3.80 -27.98
C GLU B 268 3.10 4.22 -28.01
N ALA B 269 2.38 3.94 -26.93
CA ALA B 269 0.96 4.27 -26.85
C ALA B 269 0.78 5.78 -26.83
N LEU B 270 1.77 6.48 -26.29
CA LEU B 270 1.74 7.94 -26.25
C LEU B 270 2.03 8.55 -27.61
N GLY B 271 2.29 7.69 -28.60
CA GLY B 271 2.51 8.17 -29.96
C GLY B 271 3.93 8.66 -30.14
N ILE B 272 4.77 8.37 -29.14
CA ILE B 272 6.18 8.73 -29.19
C ILE B 272 6.92 7.78 -30.11
N LYS B 273 7.59 8.34 -31.10
CA LYS B 273 8.36 7.53 -32.03
C LYS B 273 9.81 7.41 -31.60
N GLN B 274 10.24 6.16 -31.44
CA GLN B 274 11.58 5.84 -30.99
C GLN B 274 12.64 6.51 -31.86
N LEU B 275 13.80 6.76 -31.27
CA LEU B 275 14.93 7.25 -32.05
C LEU B 275 15.52 6.04 -32.78
N VAL B 276 16.14 6.31 -33.91
CA VAL B 276 16.65 5.26 -34.78
C VAL B 276 18.07 5.61 -35.20
N GLN B 277 18.81 4.64 -35.74
CA GLN B 277 20.15 4.91 -36.25
C GLN B 277 20.21 4.76 -37.76
#